data_3QYO
#
_entry.id   3QYO
#
_cell.length_a   33.990
_cell.length_b   45.110
_cell.length_c   97.800
_cell.angle_alpha   90.00
_cell.angle_beta   90.00
_cell.angle_gamma   90.00
#
_symmetry.space_group_name_H-M   'P 21 21 21'
#
loop_
_entity.id
_entity.type
_entity.pdbx_description
1 polymer 'Dihydrofolate reductase'
2 non-polymer quinazoline-2,4-diamine
3 non-polymer 'NADPH DIHYDRO-NICOTINAMIDE-ADENINE-DINUCLEOTIDE PHOSPHATE'
4 non-polymer 'CALCIUM ION'
5 water water
#
_entity_poly.entity_id   1
_entity_poly.type   'polypeptide(L)'
_entity_poly.pdbx_seq_one_letter_code
;MISLIAALAVDRVIGMENAMPWNLPADLAWFKRNTLDKPVIMGRHTWESIGRPLPGRKNIILSSQPGTDDRVTWVKSVDE
AIAACGDVPEIMVIGGGRVYEQFLPKAQKLYLTHIDAEVEGDTHFPDYEPDDWESVFSEFHDADAQNSHSYCFEILERR
;
_entity_poly.pdbx_strand_id   A
#
# COMPACT_ATOMS: atom_id res chain seq x y z
N MET A 1 -7.51 -8.03 -11.46
CA MET A 1 -6.39 -7.10 -11.60
C MET A 1 -5.91 -6.69 -10.20
N ILE A 2 -4.62 -6.93 -9.91
CA ILE A 2 -3.99 -6.65 -8.63
C ILE A 2 -3.11 -5.42 -8.74
N SER A 3 -3.29 -4.48 -7.79
CA SER A 3 -2.49 -3.28 -7.69
C SER A 3 -1.87 -3.22 -6.31
N LEU A 4 -0.66 -2.68 -6.23
CA LEU A 4 -0.02 -2.40 -4.96
C LEU A 4 -0.07 -0.90 -4.77
N ILE A 5 -0.42 -0.47 -3.58
CA ILE A 5 -0.37 0.95 -3.25
C ILE A 5 0.53 1.07 -2.02
N ALA A 6 1.54 1.95 -2.08
CA ALA A 6 2.54 2.13 -1.02
C ALA A 6 3.14 3.54 -1.03
N ALA A 7 3.60 4.01 0.14
CA ALA A 7 4.25 5.31 0.33
C ALA A 7 5.74 5.03 0.67
N LEU A 8 6.66 5.47 -0.22
CA LEU A 8 8.09 5.17 -0.14
C LEU A 8 8.93 6.39 0.14
N ALA A 9 9.73 6.30 1.18
CA ALA A 9 10.69 7.36 1.50
C ALA A 9 12.00 6.96 0.80
N VAL A 10 13.09 7.68 1.08
CA VAL A 10 14.42 7.41 0.52
CA VAL A 10 14.36 7.36 0.44
C VAL A 10 14.82 5.96 0.77
N ASP A 11 15.45 5.30 -0.23
CA ASP A 11 15.95 3.92 -0.19
C ASP A 11 14.84 2.90 -0.06
N ARG A 12 13.62 3.25 -0.56
CA ARG A 12 12.40 2.43 -0.56
C ARG A 12 11.91 2.10 0.86
N VAL A 13 12.34 2.88 1.89
CA VAL A 13 11.92 2.66 3.27
C VAL A 13 10.42 2.96 3.36
N ILE A 14 9.64 2.02 3.91
CA ILE A 14 8.17 2.11 4.06
C ILE A 14 7.69 2.04 5.52
N GLY A 15 8.53 1.61 6.43
CA GLY A 15 8.14 1.49 7.82
C GLY A 15 9.28 1.38 8.81
N MET A 16 8.97 1.66 10.06
CA MET A 16 9.88 1.56 11.20
C MET A 16 9.03 1.23 12.42
N GLU A 17 9.30 0.09 13.07
CA GLU A 17 8.61 -0.35 14.29
C GLU A 17 7.09 -0.21 14.17
N ASN A 18 6.51 -0.83 13.10
CA ASN A 18 5.07 -0.85 12.82
C ASN A 18 4.41 0.51 12.59
N ALA A 19 5.20 1.51 12.20
CA ALA A 19 4.65 2.84 11.94
C ALA A 19 5.25 3.38 10.66
N MET A 20 4.60 4.37 10.06
CA MET A 20 5.05 5.07 8.85
C MET A 20 5.55 6.42 9.42
N PRO A 21 6.89 6.57 9.59
CA PRO A 21 7.42 7.76 10.28
C PRO A 21 7.58 9.03 9.45
N TRP A 22 6.44 9.63 9.13
CA TRP A 22 6.23 10.87 8.42
C TRP A 22 4.76 11.20 8.61
N ASN A 23 4.40 12.49 8.44
CA ASN A 23 3.01 12.92 8.55
CA ASN A 23 3.01 12.89 8.54
C ASN A 23 2.65 13.63 7.26
N LEU A 24 1.97 12.91 6.37
CA LEU A 24 1.59 13.43 5.06
CA LEU A 24 1.61 13.41 5.05
C LEU A 24 0.10 13.26 4.80
N PRO A 25 -0.73 14.23 5.30
CA PRO A 25 -2.18 14.14 5.07
C PRO A 25 -2.53 14.04 3.59
N ALA A 26 -1.70 14.65 2.71
CA ALA A 26 -1.95 14.54 1.26
C ALA A 26 -1.81 13.09 0.77
N ASP A 27 -0.94 12.29 1.41
CA ASP A 27 -0.81 10.87 1.05
C ASP A 27 -2.04 10.10 1.58
N LEU A 28 -2.57 10.49 2.78
CA LEU A 28 -3.77 9.81 3.33
C LEU A 28 -4.99 10.04 2.41
N ALA A 29 -5.16 11.27 1.89
CA ALA A 29 -6.24 11.59 0.94
C ALA A 29 -6.06 10.81 -0.36
N TRP A 30 -4.81 10.70 -0.89
CA TRP A 30 -4.50 9.93 -2.11
C TRP A 30 -4.82 8.44 -1.90
N PHE A 31 -4.41 7.90 -0.75
CA PHE A 31 -4.63 6.50 -0.37
C PHE A 31 -6.14 6.22 -0.33
N LYS A 32 -6.92 7.09 0.34
CA LYS A 32 -8.38 6.96 0.44
CA LYS A 32 -8.38 6.97 0.45
C LYS A 32 -9.04 7.01 -0.93
N ARG A 33 -8.66 8.00 -1.76
CA ARG A 33 -9.24 8.17 -3.08
CA ARG A 33 -9.12 8.25 -3.13
C ARG A 33 -8.99 6.96 -3.98
N ASN A 34 -7.80 6.37 -3.94
CA ASN A 34 -7.45 5.20 -4.74
C ASN A 34 -7.85 3.83 -4.18
N THR A 35 -8.29 3.74 -2.92
CA THR A 35 -8.67 2.44 -2.34
C THR A 35 -10.16 2.33 -2.00
N LEU A 36 -10.86 3.45 -1.82
CA LEU A 36 -12.27 3.42 -1.45
C LEU A 36 -13.10 2.60 -2.43
N ASP A 37 -14.01 1.75 -1.89
CA ASP A 37 -14.92 0.89 -2.69
C ASP A 37 -14.14 -0.14 -3.51
N LYS A 38 -13.02 -0.61 -2.94
CA LYS A 38 -12.16 -1.63 -3.55
C LYS A 38 -11.77 -2.55 -2.40
N PRO A 39 -11.70 -3.88 -2.58
CA PRO A 39 -11.19 -4.70 -1.47
C PRO A 39 -9.71 -4.37 -1.25
N VAL A 40 -9.31 -4.42 0.01
CA VAL A 40 -7.93 -4.17 0.43
C VAL A 40 -7.36 -5.42 1.10
N ILE A 41 -6.16 -5.82 0.67
CA ILE A 41 -5.43 -6.97 1.21
C ILE A 41 -4.26 -6.39 1.97
N MET A 42 -4.10 -6.86 3.21
CA MET A 42 -2.99 -6.48 4.08
C MET A 42 -2.44 -7.66 4.91
N GLY A 43 -1.18 -7.53 5.31
CA GLY A 43 -0.54 -8.47 6.19
C GLY A 43 -1.01 -8.23 7.60
N ARG A 44 -0.85 -9.23 8.49
CA ARG A 44 -1.26 -9.10 9.90
C ARG A 44 -0.54 -7.92 10.61
N HIS A 45 0.74 -7.68 10.32
CA HIS A 45 1.46 -6.57 10.97
C HIS A 45 0.88 -5.21 10.58
N THR A 46 0.51 -5.07 9.29
CA THR A 46 -0.15 -3.87 8.77
C THR A 46 -1.52 -3.71 9.43
N TRP A 47 -2.30 -4.81 9.59
CA TRP A 47 -3.61 -4.76 10.23
C TRP A 47 -3.50 -4.24 11.67
N GLU A 48 -2.44 -4.66 12.39
CA GLU A 48 -2.16 -4.22 13.75
C GLU A 48 -1.62 -2.77 13.74
N SER A 49 -0.83 -2.38 12.70
CA SER A 49 -0.28 -1.02 12.53
C SER A 49 -1.44 -0.05 12.33
N ILE A 50 -2.33 -0.31 11.33
CA ILE A 50 -3.53 0.51 11.07
C ILE A 50 -4.39 0.62 12.33
N GLY A 51 -4.58 -0.52 13.01
CA GLY A 51 -5.27 -0.59 14.29
C GLY A 51 -6.77 -0.71 14.31
N ARG A 52 -7.45 -0.64 13.14
CA ARG A 52 -8.92 -0.71 13.02
CA ARG A 52 -8.92 -0.70 13.01
C ARG A 52 -9.36 -0.98 11.56
N PRO A 53 -10.63 -1.49 11.29
CA PRO A 53 -11.03 -1.73 9.90
C PRO A 53 -11.14 -0.45 9.07
N LEU A 54 -10.72 -0.55 7.78
CA LEU A 54 -10.81 0.62 6.91
C LEU A 54 -12.23 0.72 6.36
N PRO A 55 -12.97 1.80 6.68
CA PRO A 55 -14.38 1.88 6.19
C PRO A 55 -14.51 1.98 4.66
N GLY A 56 -15.64 1.55 4.15
CA GLY A 56 -15.96 1.58 2.72
C GLY A 56 -15.12 0.68 1.83
N ARG A 57 -14.48 -0.34 2.44
CA ARG A 57 -13.61 -1.28 1.75
C ARG A 57 -13.71 -2.61 2.41
N LYS A 58 -13.69 -3.67 1.61
CA LYS A 58 -13.65 -5.02 2.15
C LYS A 58 -12.20 -5.21 2.63
N ASN A 59 -12.01 -5.50 3.92
CA ASN A 59 -10.68 -5.69 4.51
C ASN A 59 -10.35 -7.18 4.59
N ILE A 60 -9.29 -7.59 3.87
CA ILE A 60 -8.83 -8.99 3.87
C ILE A 60 -7.45 -9.00 4.50
N ILE A 61 -7.29 -9.81 5.56
CA ILE A 61 -6.06 -9.91 6.34
C ILE A 61 -5.38 -11.25 6.10
N LEU A 62 -4.08 -11.21 5.76
CA LEU A 62 -3.24 -12.41 5.62
C LEU A 62 -2.63 -12.80 6.96
N SER A 63 -2.79 -14.08 7.37
CA SER A 63 -2.17 -14.65 8.57
C SER A 63 -2.12 -16.17 8.43
N SER A 64 -1.00 -16.83 8.83
CA SER A 64 -0.93 -18.31 8.79
C SER A 64 -1.83 -18.90 9.91
N GLN A 65 -2.19 -18.06 10.88
CA GLN A 65 -3.00 -18.48 12.03
C GLN A 65 -4.48 -18.04 11.90
N PRO A 66 -5.43 -18.63 12.68
CA PRO A 66 -6.83 -18.19 12.56
C PRO A 66 -7.02 -16.71 12.97
N GLY A 67 -8.08 -16.12 12.44
CA GLY A 67 -8.43 -14.74 12.69
C GLY A 67 -8.75 -14.41 14.12
N THR A 68 -8.57 -13.14 14.50
CA THR A 68 -8.87 -12.64 15.85
C THR A 68 -9.78 -11.41 15.79
N ASP A 69 -10.57 -11.30 14.71
CA ASP A 69 -11.51 -10.18 14.52
C ASP A 69 -12.44 -10.45 13.37
N ASP A 70 -13.77 -10.66 13.65
CA ASP A 70 -14.78 -10.95 12.62
C ASP A 70 -15.31 -9.72 11.85
N ARG A 71 -14.79 -8.53 12.15
CA ARG A 71 -15.16 -7.31 11.42
C ARG A 71 -14.43 -7.30 10.08
N VAL A 72 -13.45 -8.22 9.91
CA VAL A 72 -12.61 -8.33 8.71
C VAL A 72 -12.55 -9.79 8.22
N THR A 73 -12.06 -10.01 6.98
CA THR A 73 -11.93 -11.34 6.39
C THR A 73 -10.49 -11.78 6.57
N TRP A 74 -10.29 -13.01 7.11
CA TRP A 74 -8.96 -13.57 7.33
C TRP A 74 -8.69 -14.67 6.34
N VAL A 75 -7.48 -14.67 5.76
CA VAL A 75 -7.06 -15.65 4.76
C VAL A 75 -5.64 -16.16 5.10
N LYS A 76 -5.29 -17.37 4.58
CA LYS A 76 -4.02 -18.01 4.90
C LYS A 76 -3.07 -18.18 3.74
N SER A 77 -3.38 -17.58 2.60
CA SER A 77 -2.53 -17.63 1.41
C SER A 77 -2.87 -16.51 0.44
N VAL A 78 -1.92 -16.20 -0.45
CA VAL A 78 -2.07 -15.19 -1.51
C VAL A 78 -3.28 -15.60 -2.40
N ASP A 79 -3.32 -16.86 -2.85
CA ASP A 79 -4.45 -17.29 -3.71
C ASP A 79 -5.80 -17.20 -3.02
N GLU A 80 -5.85 -17.50 -1.70
CA GLU A 80 -7.10 -17.43 -0.91
C GLU A 80 -7.52 -15.95 -0.73
N ALA A 81 -6.53 -15.03 -0.52
CA ALA A 81 -6.75 -13.58 -0.38
C ALA A 81 -7.41 -13.02 -1.63
N ILE A 82 -6.88 -13.39 -2.81
CA ILE A 82 -7.41 -12.98 -4.11
C ILE A 82 -8.82 -13.53 -4.28
N ALA A 83 -9.03 -14.80 -3.93
CA ALA A 83 -10.33 -15.48 -4.05
C ALA A 83 -11.40 -14.79 -3.18
N ALA A 84 -11.04 -14.43 -1.92
CA ALA A 84 -11.93 -13.74 -0.98
C ALA A 84 -12.44 -12.38 -1.50
N CYS A 85 -11.73 -11.74 -2.44
CA CYS A 85 -12.14 -10.47 -3.05
C CYS A 85 -13.34 -10.64 -4.01
N GLY A 86 -13.47 -11.84 -4.60
CA GLY A 86 -14.48 -12.14 -5.59
C GLY A 86 -14.17 -11.48 -6.93
N ASP A 87 -15.16 -11.42 -7.83
CA ASP A 87 -15.04 -10.79 -9.14
C ASP A 87 -15.19 -9.25 -9.03
N VAL A 88 -14.06 -8.54 -8.82
CA VAL A 88 -14.06 -7.08 -8.71
C VAL A 88 -13.11 -6.48 -9.78
N PRO A 89 -13.32 -5.24 -10.29
CA PRO A 89 -12.38 -4.72 -11.30
C PRO A 89 -10.93 -4.58 -10.81
N GLU A 90 -10.75 -4.23 -9.51
CA GLU A 90 -9.40 -3.98 -9.00
C GLU A 90 -9.28 -4.30 -7.52
N ILE A 91 -8.18 -4.97 -7.18
CA ILE A 91 -7.84 -5.36 -5.81
C ILE A 91 -6.62 -4.49 -5.40
N MET A 92 -6.67 -3.90 -4.20
CA MET A 92 -5.60 -3.06 -3.68
C MET A 92 -4.86 -3.79 -2.56
N VAL A 93 -3.54 -4.02 -2.76
CA VAL A 93 -2.66 -4.63 -1.77
C VAL A 93 -2.00 -3.44 -1.05
N ILE A 94 -2.35 -3.26 0.23
CA ILE A 94 -1.94 -2.09 0.99
C ILE A 94 -0.74 -2.28 1.97
N GLY A 95 -0.08 -3.44 1.91
CA GLY A 95 1.11 -3.71 2.72
C GLY A 95 1.03 -4.89 3.67
N GLY A 96 2.10 -5.18 4.39
CA GLY A 96 3.35 -4.41 4.38
C GLY A 96 4.42 -4.95 3.45
N GLY A 97 5.68 -4.76 3.84
CA GLY A 97 6.85 -5.16 3.08
C GLY A 97 6.80 -6.59 2.56
N ARG A 98 6.49 -7.54 3.46
CA ARG A 98 6.43 -8.97 3.13
C ARG A 98 5.28 -9.30 2.21
N VAL A 99 4.12 -8.67 2.42
CA VAL A 99 2.94 -8.86 1.55
C VAL A 99 3.19 -8.28 0.14
N TYR A 100 3.82 -7.08 0.04
CA TYR A 100 4.19 -6.48 -1.24
C TYR A 100 5.11 -7.42 -2.05
N GLU A 101 6.11 -8.05 -1.39
CA GLU A 101 7.07 -8.98 -2.05
C GLU A 101 6.34 -10.12 -2.74
N GLN A 102 5.33 -10.68 -2.06
CA GLN A 102 4.55 -11.76 -2.63
C GLN A 102 3.57 -11.36 -3.74
N PHE A 103 2.97 -10.19 -3.67
CA PHE A 103 1.98 -9.80 -4.69
C PHE A 103 2.56 -9.08 -5.88
N LEU A 104 3.81 -8.57 -5.76
CA LEU A 104 4.52 -7.88 -6.83
C LEU A 104 4.56 -8.66 -8.15
N PRO A 105 4.93 -9.99 -8.20
CA PRO A 105 4.88 -10.71 -9.48
C PRO A 105 3.48 -10.73 -10.11
N LYS A 106 2.42 -10.68 -9.29
CA LYS A 106 1.03 -10.72 -9.79
C LYS A 106 0.45 -9.35 -10.10
N ALA A 107 1.11 -8.27 -9.64
CA ALA A 107 0.61 -6.91 -9.78
C ALA A 107 0.70 -6.36 -11.21
N GLN A 108 -0.34 -5.61 -11.64
CA GLN A 108 -0.38 -4.99 -12.96
CA GLN A 108 -0.40 -4.98 -12.96
C GLN A 108 -0.19 -3.47 -12.85
N LYS A 109 -0.36 -2.94 -11.63
CA LYS A 109 -0.26 -1.51 -11.38
C LYS A 109 0.34 -1.19 -10.02
N LEU A 110 1.14 -0.12 -9.96
CA LEU A 110 1.74 0.36 -8.71
C LEU A 110 1.33 1.81 -8.52
N TYR A 111 0.75 2.14 -7.37
CA TYR A 111 0.37 3.48 -6.96
C TYR A 111 1.41 3.85 -5.90
N LEU A 112 2.38 4.68 -6.29
CA LEU A 112 3.49 5.01 -5.39
C LEU A 112 3.55 6.49 -5.01
N THR A 113 3.81 6.75 -3.73
CA THR A 113 4.03 8.10 -3.22
C THR A 113 5.51 8.15 -2.91
N HIS A 114 6.29 8.88 -3.72
CA HIS A 114 7.74 8.99 -3.48
C HIS A 114 7.92 10.16 -2.54
N ILE A 115 8.21 9.88 -1.28
CA ILE A 115 8.38 10.90 -0.26
C ILE A 115 9.83 11.30 -0.13
N ASP A 116 10.09 12.60 -0.17
CA ASP A 116 11.44 13.15 0.02
C ASP A 116 11.74 13.26 1.52
N ALA A 117 11.90 12.10 2.19
CA ALA A 117 12.15 12.01 3.63
C ALA A 117 13.28 11.04 3.91
N GLU A 118 14.17 11.41 4.84
CA GLU A 118 15.28 10.57 5.29
C GLU A 118 14.74 9.77 6.48
N VAL A 119 14.47 8.48 6.24
CA VAL A 119 13.88 7.64 7.28
C VAL A 119 14.75 6.45 7.54
N GLU A 120 15.09 6.22 8.82
CA GLU A 120 15.78 5.00 9.26
C GLU A 120 14.64 3.99 9.41
N GLY A 121 14.70 2.91 8.66
CA GLY A 121 13.62 1.93 8.70
C GLY A 121 14.00 0.50 8.95
N ASP A 122 12.98 -0.36 9.09
CA ASP A 122 13.12 -1.79 9.31
C ASP A 122 12.28 -2.56 8.28
N THR A 123 11.65 -1.81 7.35
CA THR A 123 10.77 -2.38 6.31
C THR A 123 10.99 -1.62 5.00
N HIS A 124 11.11 -2.37 3.89
CA HIS A 124 11.28 -1.74 2.58
C HIS A 124 10.27 -2.22 1.57
N PHE A 125 9.96 -1.36 0.57
CA PHE A 125 9.16 -1.76 -0.58
C PHE A 125 10.07 -2.71 -1.43
N PRO A 126 9.54 -3.74 -2.13
CA PRO A 126 10.45 -4.58 -2.92
C PRO A 126 11.21 -3.80 -4.00
N ASP A 127 12.39 -4.30 -4.37
CA ASP A 127 13.26 -3.69 -5.37
C ASP A 127 12.73 -4.00 -6.78
N TYR A 128 11.66 -3.29 -7.20
CA TYR A 128 11.01 -3.49 -8.50
C TYR A 128 11.89 -3.15 -9.72
N GLU A 129 11.86 -4.01 -10.75
CA GLU A 129 12.60 -3.82 -12.00
C GLU A 129 12.09 -2.55 -12.77
N PRO A 130 12.86 -1.42 -12.85
CA PRO A 130 12.38 -0.23 -13.60
C PRO A 130 12.01 -0.50 -15.05
N ASP A 131 12.68 -1.48 -15.71
CA ASP A 131 12.42 -1.84 -17.10
C ASP A 131 11.05 -2.44 -17.32
N ASP A 132 10.46 -3.06 -16.29
CA ASP A 132 9.15 -3.72 -16.36
C ASP A 132 7.94 -2.83 -16.13
N TRP A 133 8.19 -1.57 -15.75
CA TRP A 133 7.11 -0.65 -15.38
C TRP A 133 7.17 0.64 -16.18
N GLU A 134 6.01 1.15 -16.56
CA GLU A 134 5.95 2.39 -17.32
C GLU A 134 5.13 3.38 -16.52
N SER A 135 5.62 4.62 -16.35
CA SER A 135 4.96 5.70 -15.63
C SER A 135 3.83 6.27 -16.47
N VAL A 136 2.60 6.20 -15.96
CA VAL A 136 1.44 6.72 -16.71
C VAL A 136 0.81 7.94 -16.06
N PHE A 137 1.16 8.18 -14.78
CA PHE A 137 0.74 9.30 -13.95
C PHE A 137 1.92 9.68 -13.05
N SER A 138 2.22 10.99 -12.95
CA SER A 138 3.32 11.50 -12.15
C SER A 138 3.00 12.94 -11.80
N GLU A 139 2.67 13.18 -10.52
CA GLU A 139 2.26 14.51 -10.03
C GLU A 139 3.07 14.85 -8.78
N PHE A 140 4.06 15.74 -8.96
CA PHE A 140 4.96 16.23 -7.91
C PHE A 140 4.35 17.40 -7.11
N HIS A 141 4.58 17.41 -5.77
CA HIS A 141 4.10 18.49 -4.88
C HIS A 141 5.18 18.94 -3.91
N ASP A 142 5.29 20.26 -3.75
CA ASP A 142 6.20 20.82 -2.77
C ASP A 142 5.56 20.71 -1.40
N ALA A 143 6.37 20.70 -0.35
CA ALA A 143 5.91 20.67 1.04
C ALA A 143 5.07 21.95 1.27
N ASP A 144 4.18 21.92 2.25
CA ASP A 144 3.34 23.07 2.62
C ASP A 144 3.19 23.05 4.14
N ALA A 145 2.27 23.88 4.72
CA ALA A 145 2.05 23.95 6.18
C ALA A 145 1.48 22.65 6.77
N GLN A 146 0.85 21.78 5.95
CA GLN A 146 0.28 20.51 6.41
C GLN A 146 1.17 19.27 6.13
N ASN A 147 2.01 19.34 5.09
CA ASN A 147 2.87 18.24 4.63
C ASN A 147 4.33 18.69 4.69
N SER A 148 5.11 18.10 5.60
CA SER A 148 6.50 18.50 5.86
C SER A 148 7.55 18.05 4.85
N HIS A 149 7.15 17.31 3.83
CA HIS A 149 8.05 16.87 2.77
C HIS A 149 7.45 17.14 1.43
N SER A 150 8.31 17.20 0.41
CA SER A 150 7.87 17.24 -0.97
C SER A 150 7.60 15.74 -1.31
N TYR A 151 6.68 15.48 -2.23
CA TYR A 151 6.26 14.12 -2.56
C TYR A 151 5.71 14.08 -4.00
N CYS A 152 5.80 12.91 -4.60
CA CYS A 152 5.33 12.69 -5.96
C CYS A 152 4.38 11.52 -5.94
N PHE A 153 3.18 11.68 -6.51
CA PHE A 153 2.26 10.55 -6.63
C PHE A 153 2.54 9.99 -8.01
N GLU A 154 2.78 8.72 -8.08
CA GLU A 154 3.08 8.08 -9.35
C GLU A 154 2.25 6.83 -9.54
N ILE A 155 1.83 6.61 -10.77
CA ILE A 155 1.16 5.40 -11.17
C ILE A 155 2.01 4.79 -12.28
N LEU A 156 2.41 3.53 -12.02
CA LEU A 156 3.20 2.69 -12.91
CA LEU A 156 3.19 2.71 -12.94
C LEU A 156 2.34 1.51 -13.39
N GLU A 157 2.42 1.20 -14.69
CA GLU A 157 1.69 0.08 -15.28
C GLU A 157 2.72 -0.92 -15.83
N ARG A 158 2.52 -2.22 -15.56
CA ARG A 158 3.43 -3.27 -16.01
C ARG A 158 3.42 -3.30 -17.55
N ARG A 159 4.58 -3.12 -18.18
CA ARG A 159 4.73 -3.12 -19.63
C ARG A 159 4.26 -4.42 -20.28
#